data_1CP3
#
_entry.id   1CP3
#
_cell.length_a   50.900
_cell.length_b   69.100
_cell.length_c   93.800
_cell.angle_alpha   90.00
_cell.angle_beta   101.20
_cell.angle_gamma   90.00
#
_symmetry.space_group_name_H-M   'P 1 21 1'
#
loop_
_entity.id
_entity.type
_entity.pdbx_description
1 polymer APOPAIN
2 polymer ACETYL-ASP-VAL-ALA-ASP-FLUOROMETHYLKETONE
3 water water
#
loop_
_entity_poly.entity_id
_entity_poly.type
_entity_poly.pdbx_seq_one_letter_code
_entity_poly.pdbx_strand_id
1 'polypeptide(L)'
;MENTENSVDSKSIKNLEPKIIHGSESMDSGISLDNSYKMDYPEMGLCIIINNKNFHKSTGMTSRSGTDVDAANLRETFRN
LKYEVRNKNDLTREEIVELMRDVSKEDHSKRSSFVCVLLSHGEEGIIFGTNGPVDLKKITNFFRGDRCRSLTGKPKLFII
QACRGTELDCGIETDSGVDDDMACHKIPVDADFLYAYSTAPGYYSWRNSKDGSWFIQSLCAMLKQYADKLEFMHILTRVN
RKVATEFESFSFDATFHAKKQIPCIVSMLTKELYFYH
;
A,B
2 'polypeptide(L)' (ACE)DVAD(CF0) C,D
#
# COMPACT_ATOMS: atom_id res chain seq x y z
N ASN A 35 1.31 19.50 -5.62
CA ASN A 35 1.37 18.53 -6.75
C ASN A 35 2.67 17.70 -6.75
N SER A 36 3.82 18.36 -6.61
CA SER A 36 5.11 17.68 -6.58
C SER A 36 5.88 18.11 -5.33
N TYR A 37 6.63 17.18 -4.74
CA TYR A 37 7.46 17.52 -3.59
C TYR A 37 8.57 18.41 -4.07
N LYS A 38 8.98 19.36 -3.25
CA LYS A 38 10.10 20.27 -3.55
C LYS A 38 11.35 19.40 -3.42
N MET A 39 12.00 19.16 -4.54
CA MET A 39 13.17 18.30 -4.54
C MET A 39 14.36 19.13 -4.94
N ASP A 40 14.34 20.40 -4.59
CA ASP A 40 15.43 21.27 -4.99
C ASP A 40 16.20 21.82 -3.81
N TYR A 41 16.08 21.19 -2.64
CA TYR A 41 16.83 21.65 -1.50
C TYR A 41 18.30 21.39 -1.82
N PRO A 42 19.24 21.97 -1.05
CA PRO A 42 20.67 21.78 -1.30
C PRO A 42 21.11 20.33 -1.49
N GLU A 43 20.46 19.41 -0.76
CA GLU A 43 20.80 18.01 -0.83
C GLU A 43 19.59 17.17 -1.09
N MET A 44 19.75 16.08 -1.82
CA MET A 44 18.64 15.17 -2.08
C MET A 44 18.24 14.45 -0.79
N GLY A 45 19.23 14.20 0.06
CA GLY A 45 18.99 13.54 1.34
C GLY A 45 19.82 12.30 1.55
N LEU A 46 19.59 11.65 2.69
CA LEU A 46 20.26 10.43 3.10
C LEU A 46 19.59 9.15 2.58
N CYS A 47 20.40 8.18 2.23
CA CYS A 47 19.88 6.89 1.81
C CYS A 47 20.65 5.90 2.67
N ILE A 48 19.99 5.38 3.69
CA ILE A 48 20.56 4.43 4.63
C ILE A 48 20.20 3.04 4.15
N ILE A 49 21.22 2.19 3.95
CA ILE A 49 21.02 0.82 3.51
C ILE A 49 21.50 -0.11 4.64
N ILE A 50 20.57 -0.85 5.23
CA ILE A 50 20.86 -1.80 6.29
C ILE A 50 20.90 -3.16 5.65
N ASN A 51 22.11 -3.72 5.52
CA ASN A 51 22.30 -5.02 4.87
C ASN A 51 22.68 -6.14 5.86
N ASN A 52 21.74 -7.01 6.17
CA ASN A 52 21.98 -8.07 7.10
C ASN A 52 22.15 -9.37 6.35
N LYS A 53 23.36 -9.91 6.44
CA LYS A 53 23.72 -11.15 5.77
C LYS A 53 23.86 -12.38 6.68
N ASN A 54 24.53 -12.20 7.82
CA ASN A 54 24.81 -13.30 8.76
C ASN A 54 24.09 -13.20 10.07
N PHE A 55 23.48 -14.30 10.47
CA PHE A 55 22.70 -14.31 11.70
C PHE A 55 23.17 -15.24 12.80
N HIS A 56 22.88 -14.89 14.06
CA HIS A 56 23.25 -15.70 15.23
C HIS A 56 22.61 -17.07 15.06
N LYS A 57 23.39 -18.10 15.38
CA LYS A 57 22.98 -19.50 15.27
C LYS A 57 21.68 -19.80 16.01
N SER A 58 21.39 -19.02 17.05
CA SER A 58 20.17 -19.18 17.81
C SER A 58 18.91 -18.85 17.03
N THR A 59 19.03 -17.97 16.03
CA THR A 59 17.89 -17.55 15.22
C THR A 59 17.44 -18.61 14.20
N GLY A 60 18.37 -19.47 13.80
CA GLY A 60 18.06 -20.50 12.82
C GLY A 60 17.94 -19.92 11.42
N MET A 61 18.45 -18.69 11.25
CA MET A 61 18.34 -18.01 9.97
C MET A 61 19.58 -18.27 9.13
N THR A 62 19.36 -18.75 7.92
CA THR A 62 20.45 -19.04 6.98
C THR A 62 21.04 -17.74 6.42
N SER A 63 22.34 -17.75 6.19
CA SER A 63 23.10 -16.63 5.65
C SER A 63 22.41 -16.16 4.35
N ARG A 64 22.37 -14.85 4.12
CA ARG A 64 21.68 -14.31 2.94
C ARG A 64 22.58 -14.07 1.71
N SER A 65 23.02 -15.14 1.08
CA SER A 65 23.87 -15.05 -0.11
C SER A 65 23.24 -14.23 -1.27
N GLY A 66 23.98 -13.30 -1.84
CA GLY A 66 23.44 -12.52 -2.92
C GLY A 66 23.05 -11.14 -2.41
N THR A 67 22.89 -10.99 -1.10
CA THR A 67 22.52 -9.71 -0.51
C THR A 67 23.57 -8.64 -0.77
N ASP A 68 24.80 -9.07 -1.03
CA ASP A 68 25.90 -8.13 -1.29
C ASP A 68 25.80 -7.43 -2.64
N VAL A 69 25.24 -8.14 -3.59
CA VAL A 69 25.01 -7.62 -4.91
C VAL A 69 23.93 -6.52 -4.76
N ASP A 70 22.91 -6.80 -3.94
CA ASP A 70 21.85 -5.84 -3.68
C ASP A 70 22.44 -4.62 -3.00
N ALA A 71 23.13 -4.79 -1.88
CA ALA A 71 23.73 -3.63 -1.20
C ALA A 71 24.50 -2.77 -2.13
N ALA A 72 25.26 -3.37 -3.05
CA ALA A 72 26.11 -2.63 -4.01
C ALA A 72 25.35 -1.86 -5.10
N ASN A 73 24.42 -2.56 -5.71
CA ASN A 73 23.58 -2.02 -6.75
C ASN A 73 22.80 -0.81 -6.18
N LEU A 74 22.20 -0.94 -5.02
CA LEU A 74 21.49 0.16 -4.38
C LEU A 74 22.37 1.36 -4.14
N ARG A 75 23.58 1.14 -3.64
CA ARG A 75 24.51 2.23 -3.34
C ARG A 75 24.92 3.06 -4.57
N GLU A 76 25.11 2.38 -5.69
CA GLU A 76 25.51 3.02 -6.94
C GLU A 76 24.29 3.71 -7.56
N THR A 77 23.15 3.04 -7.50
CA THR A 77 21.90 3.60 -8.01
C THR A 77 21.55 4.94 -7.31
N PHE A 78 21.55 4.95 -5.98
CA PHE A 78 21.22 6.16 -5.25
C PHE A 78 22.35 7.19 -5.19
N ARG A 79 23.55 6.81 -5.60
CA ARG A 79 24.65 7.77 -5.64
C ARG A 79 24.43 8.60 -6.91
N ASN A 80 24.03 7.91 -7.98
CA ASN A 80 23.75 8.57 -9.25
C ASN A 80 22.59 9.52 -9.09
N LEU A 81 21.68 9.22 -8.14
CA LEU A 81 20.53 10.09 -7.87
C LEU A 81 20.90 11.23 -6.92
N LYS A 82 22.15 11.21 -6.46
CA LYS A 82 22.71 12.22 -5.58
C LYS A 82 22.36 12.15 -4.09
N TYR A 83 22.10 10.93 -3.63
CA TYR A 83 21.82 10.73 -2.23
C TYR A 83 23.15 10.52 -1.54
N GLU A 84 23.20 10.93 -0.28
CA GLU A 84 24.36 10.71 0.51
C GLU A 84 24.11 9.30 1.06
N VAL A 85 24.78 8.29 0.50
CA VAL A 85 24.61 6.87 0.90
C VAL A 85 25.49 6.39 2.07
N ARG A 86 24.89 5.59 2.95
CA ARG A 86 25.57 5.00 4.13
C ARG A 86 25.13 3.55 4.24
N ASN A 87 26.08 2.65 4.04
CA ASN A 87 25.80 1.22 4.13
C ASN A 87 26.14 0.72 5.52
N LYS A 88 25.29 -0.11 6.11
CA LYS A 88 25.58 -0.66 7.43
C LYS A 88 25.34 -2.13 7.22
N ASN A 89 26.27 -2.95 7.72
CA ASN A 89 26.20 -4.40 7.55
C ASN A 89 26.11 -5.13 8.86
N ASP A 90 25.29 -6.17 8.85
CA ASP A 90 25.08 -7.02 10.00
C ASP A 90 24.87 -6.22 11.28
N LEU A 91 23.68 -5.66 11.45
CA LEU A 91 23.37 -4.90 12.66
C LEU A 91 22.44 -5.70 13.58
N THR A 92 22.65 -5.61 14.91
CA THR A 92 21.76 -6.30 15.87
C THR A 92 20.47 -5.51 15.93
N ARG A 93 19.42 -6.13 16.45
CA ARG A 93 18.13 -5.48 16.52
C ARG A 93 18.25 -4.18 17.31
N GLU A 94 19.17 -4.13 18.27
CA GLU A 94 19.35 -2.90 19.04
C GLU A 94 20.26 -1.88 18.32
N GLU A 95 21.12 -2.36 17.43
CA GLU A 95 21.97 -1.41 16.69
C GLU A 95 21.18 -0.72 15.58
N ILE A 96 20.13 -1.37 15.09
CA ILE A 96 19.24 -0.82 14.08
C ILE A 96 18.41 0.31 14.70
N VAL A 97 17.86 0.05 15.89
CA VAL A 97 17.07 1.05 16.59
C VAL A 97 17.89 2.25 17.00
N GLU A 98 19.06 2.02 17.59
CA GLU A 98 19.89 3.15 17.99
C GLU A 98 20.34 3.99 16.77
N LEU A 99 20.53 3.31 15.62
CA LEU A 99 20.91 3.95 14.35
C LEU A 99 19.73 4.82 13.84
N MET A 100 18.54 4.24 13.75
CA MET A 100 17.37 4.98 13.31
C MET A 100 17.11 6.17 14.23
N ARG A 101 17.32 6.00 15.53
CA ARG A 101 17.11 7.09 16.47
C ARG A 101 18.11 8.23 16.29
N ASP A 102 19.39 7.91 16.05
CA ASP A 102 20.37 8.97 15.87
C ASP A 102 20.14 9.72 14.57
N VAL A 103 19.78 8.95 13.52
CA VAL A 103 19.49 9.48 12.19
C VAL A 103 18.27 10.44 12.24
N SER A 104 17.24 10.07 13.00
CA SER A 104 16.05 10.92 13.13
C SER A 104 16.35 12.21 13.93
N LYS A 105 17.48 12.21 14.64
CA LYS A 105 17.89 13.36 15.40
C LYS A 105 18.77 14.27 14.55
N GLU A 106 19.15 13.79 13.37
CA GLU A 106 19.94 14.62 12.49
C GLU A 106 19.05 15.75 11.98
N ASP A 107 19.68 16.86 11.63
CA ASP A 107 19.00 18.01 11.09
C ASP A 107 18.85 17.71 9.59
N HIS A 108 17.61 17.54 9.15
CA HIS A 108 17.36 17.25 7.75
C HIS A 108 16.88 18.46 6.96
N SER A 109 17.09 19.63 7.54
CA SER A 109 16.71 20.90 6.92
C SER A 109 17.14 21.06 5.47
N LYS A 110 18.43 20.94 5.18
CA LYS A 110 18.89 21.12 3.81
C LYS A 110 18.70 19.88 2.96
N ARG A 111 17.89 18.93 3.43
CA ARG A 111 17.68 17.70 2.67
C ARG A 111 16.27 17.58 2.16
N SER A 112 16.14 17.15 0.91
CA SER A 112 14.85 17.00 0.26
C SER A 112 14.05 15.79 0.71
N SER A 113 14.72 14.68 1.01
CA SER A 113 14.04 13.43 1.38
C SER A 113 14.90 12.52 2.27
N PHE A 114 14.36 11.34 2.57
CA PHE A 114 15.05 10.32 3.38
C PHE A 114 14.71 8.97 2.78
N VAL A 115 15.70 8.12 2.61
CA VAL A 115 15.46 6.77 2.07
C VAL A 115 16.09 5.76 3.01
N CYS A 116 15.39 4.67 3.29
CA CYS A 116 15.91 3.62 4.16
C CYS A 116 15.57 2.30 3.50
N VAL A 117 16.59 1.47 3.24
CA VAL A 117 16.40 0.15 2.60
C VAL A 117 16.78 -0.85 3.65
N LEU A 118 15.96 -1.86 3.87
CA LEU A 118 16.28 -2.88 4.87
C LEU A 118 16.37 -4.16 4.12
N LEU A 119 17.55 -4.76 4.13
CA LEU A 119 17.81 -6.03 3.43
C LEU A 119 17.99 -7.09 4.51
N SER A 120 17.00 -7.97 4.66
CA SER A 120 17.08 -8.97 5.70
C SER A 120 16.00 -10.02 5.59
N HIS A 121 15.97 -10.88 6.62
CA HIS A 121 14.93 -11.92 6.75
C HIS A 121 13.78 -11.23 7.48
N GLY A 122 12.59 -11.78 7.36
CA GLY A 122 11.46 -11.21 8.07
C GLY A 122 10.17 -11.99 8.04
N GLU A 123 9.18 -11.39 8.68
CA GLU A 123 7.83 -11.92 8.79
C GLU A 123 6.98 -10.67 8.72
N GLU A 124 5.66 -10.84 8.59
CA GLU A 124 4.77 -9.70 8.53
C GLU A 124 5.01 -8.77 9.71
N GLY A 125 5.31 -7.51 9.42
CA GLY A 125 5.53 -6.53 10.47
C GLY A 125 6.87 -6.50 11.19
N ILE A 126 7.74 -7.45 10.87
CA ILE A 126 9.04 -7.50 11.53
C ILE A 126 10.21 -7.82 10.58
N ILE A 127 11.34 -7.17 10.82
CA ILE A 127 12.53 -7.50 10.06
C ILE A 127 13.55 -7.97 11.14
N PHE A 128 14.43 -8.89 10.76
CA PHE A 128 15.43 -9.38 11.70
C PHE A 128 16.72 -8.63 11.82
N GLY A 129 17.07 -8.33 13.04
CA GLY A 129 18.36 -7.77 13.30
C GLY A 129 19.19 -9.08 13.28
N THR A 130 20.49 -8.91 13.40
CA THR A 130 21.42 -10.03 13.36
C THR A 130 21.20 -11.04 14.48
N ASN A 131 20.68 -10.54 15.60
CA ASN A 131 20.44 -11.34 16.77
C ASN A 131 18.96 -11.51 17.13
N GLY A 132 18.04 -11.08 16.28
CA GLY A 132 16.64 -11.24 16.62
C GLY A 132 15.71 -10.31 15.91
N PRO A 133 14.39 -10.55 15.99
CA PRO A 133 13.35 -9.75 15.34
C PRO A 133 13.19 -8.33 15.87
N VAL A 134 12.86 -7.41 14.97
CA VAL A 134 12.63 -5.99 15.26
C VAL A 134 11.28 -5.62 14.66
N ASP A 135 10.45 -4.95 15.45
CA ASP A 135 9.15 -4.50 14.96
C ASP A 135 9.39 -3.36 13.96
N LEU A 136 8.72 -3.42 12.80
CA LEU A 136 8.87 -2.36 11.81
C LEU A 136 8.31 -1.04 12.31
N LYS A 137 7.28 -1.11 13.15
CA LYS A 137 6.66 0.09 13.68
C LYS A 137 7.61 0.83 14.61
N LYS A 138 8.59 0.13 15.16
CA LYS A 138 9.54 0.76 16.05
C LYS A 138 10.55 1.62 15.33
N ILE A 139 10.90 1.21 14.11
CA ILE A 139 11.87 1.90 13.27
C ILE A 139 11.30 3.15 12.58
N THR A 140 10.18 2.97 11.89
CA THR A 140 9.52 4.06 11.18
C THR A 140 9.03 5.20 12.10
N ASN A 141 8.59 4.84 13.29
CA ASN A 141 8.08 5.83 14.27
C ASN A 141 9.02 6.97 14.58
N PHE A 142 10.33 6.79 14.44
CA PHE A 142 11.22 7.92 14.73
C PHE A 142 11.07 9.03 13.71
N PHE A 143 10.55 8.67 12.54
CA PHE A 143 10.45 9.62 11.45
C PHE A 143 9.09 10.27 11.28
N ARG A 144 8.22 10.10 12.29
CA ARG A 144 6.90 10.70 12.26
C ARG A 144 6.93 12.22 12.24
N GLY A 145 5.91 12.80 11.60
CA GLY A 145 5.81 14.24 11.44
C GLY A 145 6.06 15.04 12.69
N ASP A 146 5.55 14.51 13.80
CA ASP A 146 5.67 15.15 15.09
C ASP A 146 6.97 14.80 15.82
N ARG A 147 7.67 13.77 15.33
CA ARG A 147 8.93 13.33 15.95
C ARG A 147 10.20 13.80 15.24
N CYS A 148 10.20 13.83 13.92
CA CYS A 148 11.36 14.31 13.19
C CYS A 148 10.85 15.55 12.51
N ARG A 149 11.04 16.69 13.18
CA ARG A 149 10.55 17.94 12.64
C ARG A 149 11.18 18.48 11.37
N SER A 150 12.42 18.11 11.04
CA SER A 150 13.03 18.60 9.79
C SER A 150 12.70 17.73 8.56
N LEU A 151 11.79 16.80 8.72
CA LEU A 151 11.35 15.96 7.60
C LEU A 151 9.82 16.06 7.45
N THR A 152 9.17 16.86 8.31
CA THR A 152 7.72 17.08 8.24
C THR A 152 7.39 17.68 6.87
N GLY A 153 6.50 17.02 6.15
CA GLY A 153 6.13 17.48 4.82
C GLY A 153 7.05 16.97 3.73
N LYS A 154 8.10 16.25 4.10
CA LYS A 154 9.07 15.68 3.15
C LYS A 154 8.86 14.19 2.94
N PRO A 155 9.15 13.70 1.73
CA PRO A 155 8.98 12.25 1.49
C PRO A 155 9.97 11.32 2.27
N LYS A 156 9.41 10.35 3.00
CA LYS A 156 10.14 9.38 3.81
C LYS A 156 9.95 7.99 3.21
N LEU A 157 10.95 7.52 2.48
CA LEU A 157 10.86 6.22 1.78
C LEU A 157 11.49 4.98 2.48
N PHE A 158 10.67 3.97 2.73
CA PHE A 158 11.15 2.74 3.33
C PHE A 158 11.03 1.60 2.29
N ILE A 159 12.17 1.06 1.87
CA ILE A 159 12.24 -0.04 0.87
C ILE A 159 12.65 -1.27 1.65
N ILE A 160 11.79 -2.28 1.61
CA ILE A 160 11.97 -3.48 2.38
C ILE A 160 11.98 -4.79 1.62
N GLN A 161 13.14 -5.45 1.66
CA GLN A 161 13.34 -6.76 1.04
C GLN A 161 13.38 -7.77 2.21
N ALA A 162 12.31 -8.53 2.36
CA ALA A 162 12.14 -9.48 3.47
C ALA A 162 10.87 -10.23 3.23
N CYS A 163 10.77 -11.43 3.78
CA CYS A 163 9.54 -12.20 3.67
C CYS A 163 8.42 -11.51 4.52
N ARG A 164 7.16 -11.73 4.19
CA ARG A 164 6.08 -11.13 4.99
C ARG A 164 5.13 -12.25 5.50
N GLY A 165 5.67 -13.46 5.56
CA GLY A 165 4.89 -14.61 5.96
C GLY A 165 5.45 -15.83 5.23
N THR A 166 4.67 -16.91 5.23
CA THR A 166 5.08 -18.16 4.60
C THR A 166 4.10 -18.63 3.55
N GLU A 167 3.35 -17.68 2.98
CA GLU A 167 2.39 -18.01 1.93
C GLU A 167 3.15 -18.15 0.61
N LEU A 168 2.74 -19.12 -0.20
CA LEU A 168 3.40 -19.33 -1.47
C LEU A 168 2.48 -18.98 -2.61
N ASP A 169 3.03 -18.28 -3.59
CA ASP A 169 2.24 -17.89 -4.76
C ASP A 169 2.62 -18.84 -5.87
N CYS A 170 1.66 -19.65 -6.33
CA CYS A 170 1.91 -20.60 -7.42
C CYS A 170 1.73 -20.01 -8.80
N GLY A 171 1.13 -18.83 -8.89
CA GLY A 171 0.92 -18.18 -10.19
C GLY A 171 -0.29 -18.69 -10.96
N ILE A 172 -0.58 -18.06 -12.10
CA ILE A 172 -1.71 -18.43 -12.96
C ILE A 172 -1.41 -18.15 -14.44
N GLU A 173 -2.21 -18.75 -15.32
CA GLU A 173 -2.15 -18.60 -16.78
C GLU A 173 -0.91 -19.19 -17.47
N HIS A 185 -1.25 24.62 7.78
CA HIS A 185 -2.01 24.12 8.98
C HIS A 185 -1.53 22.71 9.30
N LYS A 186 -2.26 21.99 10.15
CA LYS A 186 -1.87 20.65 10.56
C LYS A 186 -1.91 19.53 9.50
N ILE A 187 -1.00 18.57 9.65
CA ILE A 187 -0.97 17.39 8.77
C ILE A 187 -0.80 16.15 9.62
N PRO A 188 -1.38 15.00 9.18
CA PRO A 188 -1.29 13.75 9.92
C PRO A 188 0.17 13.44 10.24
N VAL A 189 0.44 12.85 11.40
CA VAL A 189 1.81 12.51 11.75
C VAL A 189 2.38 11.37 10.88
N ASP A 190 1.51 10.53 10.32
CA ASP A 190 1.97 9.43 9.51
C ASP A 190 1.86 9.71 8.01
N ALA A 191 1.67 10.99 7.66
CA ALA A 191 1.55 11.38 6.25
C ALA A 191 2.95 11.50 5.66
N ASP A 192 3.03 11.31 4.34
CA ASP A 192 4.29 11.36 3.60
C ASP A 192 5.21 10.16 3.78
N PHE A 193 4.64 8.96 3.87
CA PHE A 193 5.44 7.75 4.00
C PHE A 193 5.14 6.88 2.81
N LEU A 194 6.17 6.25 2.27
CA LEU A 194 5.97 5.30 1.20
C LEU A 194 6.71 4.01 1.63
N TYR A 195 6.02 2.88 1.55
CA TYR A 195 6.63 1.59 1.90
C TYR A 195 6.70 0.72 0.64
N ALA A 196 7.88 0.57 0.07
CA ALA A 196 7.98 -0.28 -1.10
C ALA A 196 8.39 -1.66 -0.56
N TYR A 197 7.38 -2.50 -0.35
CA TYR A 197 7.57 -3.86 0.15
C TYR A 197 7.91 -4.71 -1.04
N SER A 198 8.74 -5.75 -0.86
CA SER A 198 9.11 -6.61 -1.98
C SER A 198 8.06 -7.61 -2.35
N THR A 199 7.13 -7.85 -1.43
CA THR A 199 6.07 -8.84 -1.62
C THR A 199 4.80 -8.42 -1.00
N ALA A 200 3.78 -9.21 -1.37
CA ALA A 200 2.42 -9.08 -0.88
C ALA A 200 2.35 -9.49 0.61
N PRO A 201 1.41 -8.91 1.37
CA PRO A 201 1.24 -9.20 2.79
C PRO A 201 1.03 -10.67 2.99
N GLY A 202 1.79 -11.25 3.92
CA GLY A 202 1.67 -12.68 4.21
C GLY A 202 2.44 -13.68 3.36
N TYR A 203 3.14 -13.23 2.29
CA TYR A 203 3.92 -14.11 1.39
C TYR A 203 5.42 -14.15 1.51
N TYR A 204 5.99 -15.19 0.89
CA TYR A 204 7.45 -15.34 0.81
C TYR A 204 8.00 -14.27 -0.14
N SER A 205 9.29 -13.95 0.00
CA SER A 205 9.97 -12.99 -0.86
C SER A 205 11.22 -13.75 -1.29
N TRP A 206 11.54 -13.68 -2.59
CA TRP A 206 12.66 -14.43 -3.11
C TRP A 206 13.93 -13.72 -3.39
N ARG A 207 15.01 -14.48 -3.29
CA ARG A 207 16.35 -13.97 -3.52
C ARG A 207 17.18 -15.03 -4.23
N ASN A 208 18.00 -14.58 -5.16
CA ASN A 208 18.92 -15.44 -5.93
C ASN A 208 20.30 -15.31 -5.25
N SER A 209 20.86 -16.43 -4.81
CA SER A 209 22.15 -16.44 -4.11
C SER A 209 23.25 -15.81 -4.90
N LYS A 210 23.05 -15.75 -6.21
CA LYS A 210 24.03 -15.20 -7.12
C LYS A 210 23.69 -13.79 -7.61
N ASP A 211 22.48 -13.58 -8.12
CA ASP A 211 22.08 -12.27 -8.65
C ASP A 211 21.51 -11.27 -7.67
N GLY A 212 21.10 -11.73 -6.50
CA GLY A 212 20.51 -10.83 -5.54
C GLY A 212 19.00 -11.04 -5.61
N SER A 213 18.26 -10.30 -4.78
CA SER A 213 16.79 -10.43 -4.71
C SER A 213 16.11 -9.92 -5.98
N TRP A 214 15.07 -10.63 -6.39
CA TRP A 214 14.31 -10.25 -7.57
C TRP A 214 13.88 -8.78 -7.49
N PHE A 215 13.38 -8.40 -6.31
CA PHE A 215 12.91 -7.04 -6.09
C PHE A 215 14.00 -5.97 -6.20
N ILE A 216 15.13 -6.11 -5.49
CA ILE A 216 16.16 -5.08 -5.56
C ILE A 216 16.78 -4.97 -6.95
N GLN A 217 16.91 -6.10 -7.65
CA GLN A 217 17.42 -6.15 -9.03
C GLN A 217 16.54 -5.25 -9.88
N SER A 218 15.24 -5.51 -9.80
CA SER A 218 14.25 -4.72 -10.56
C SER A 218 14.17 -3.27 -10.14
N LEU A 219 14.11 -3.00 -8.84
CA LEU A 219 14.03 -1.61 -8.38
C LEU A 219 15.19 -0.81 -9.01
N CYS A 220 16.42 -1.27 -8.85
CA CYS A 220 17.57 -0.60 -9.40
C CYS A 220 17.56 -0.48 -10.92
N ALA A 221 17.17 -1.54 -11.63
CA ALA A 221 17.15 -1.48 -13.11
C ALA A 221 16.20 -0.39 -13.56
N MET A 222 15.04 -0.38 -12.95
CA MET A 222 14.01 0.56 -13.30
C MET A 222 14.41 1.96 -13.00
N LEU A 223 14.98 2.20 -11.83
CA LEU A 223 15.42 3.54 -11.50
C LEU A 223 16.55 4.03 -12.43
N LYS A 224 17.41 3.14 -12.92
CA LYS A 224 18.52 3.55 -13.80
C LYS A 224 17.93 4.03 -15.10
N GLN A 225 16.93 3.29 -15.56
CA GLN A 225 16.27 3.57 -16.80
C GLN A 225 15.34 4.78 -16.78
N TYR A 226 14.50 4.86 -15.74
CA TYR A 226 13.48 5.87 -15.65
C TYR A 226 13.51 7.01 -14.69
N ALA A 227 14.40 7.00 -13.72
CA ALA A 227 14.41 8.09 -12.74
C ALA A 227 14.46 9.50 -13.28
N ASP A 228 14.73 9.65 -14.59
CA ASP A 228 14.87 10.97 -15.19
C ASP A 228 13.72 11.30 -16.11
N LYS A 229 12.62 10.59 -15.96
CA LYS A 229 11.48 10.75 -16.82
C LYS A 229 10.15 10.47 -16.09
N LEU A 230 10.10 9.43 -15.27
CA LEU A 230 8.89 9.02 -14.55
C LEU A 230 8.70 9.47 -13.11
N GLU A 231 7.44 9.46 -12.68
CA GLU A 231 7.10 9.79 -11.29
C GLU A 231 7.37 8.48 -10.56
N PHE A 232 7.80 8.58 -9.32
CA PHE A 232 8.12 7.39 -8.54
C PHE A 232 7.10 6.26 -8.53
N MET A 233 5.82 6.55 -8.27
CA MET A 233 4.80 5.50 -8.27
C MET A 233 4.78 4.79 -9.61
N HIS A 234 5.02 5.54 -10.67
CA HIS A 234 5.04 4.93 -12.00
C HIS A 234 6.27 4.08 -12.21
N ILE A 235 7.40 4.51 -11.66
CA ILE A 235 8.59 3.66 -11.77
C ILE A 235 8.30 2.34 -11.00
N LEU A 236 7.72 2.47 -9.79
CA LEU A 236 7.41 1.32 -8.94
C LEU A 236 6.42 0.36 -9.54
N THR A 237 5.51 0.87 -10.36
CA THR A 237 4.53 0.00 -10.99
C THR A 237 5.28 -0.87 -11.99
N ARG A 238 6.34 -0.32 -12.59
CA ARG A 238 7.18 -1.02 -13.56
C ARG A 238 7.96 -2.15 -12.88
N VAL A 239 8.39 -1.90 -11.63
CA VAL A 239 9.09 -2.89 -10.83
C VAL A 239 8.11 -4.04 -10.60
N ASN A 240 6.86 -3.71 -10.26
CA ASN A 240 5.84 -4.75 -10.06
C ASN A 240 5.69 -5.61 -11.31
N ARG A 241 5.61 -4.98 -12.48
CA ARG A 241 5.47 -5.75 -13.71
C ARG A 241 6.69 -6.64 -13.97
N LYS A 242 7.88 -6.11 -13.73
CA LYS A 242 9.13 -6.84 -13.94
C LYS A 242 9.27 -8.07 -13.06
N VAL A 243 9.03 -7.92 -11.77
CA VAL A 243 9.17 -9.08 -10.89
C VAL A 243 8.06 -10.10 -11.10
N ALA A 244 6.88 -9.63 -11.45
CA ALA A 244 5.76 -10.53 -11.66
C ALA A 244 5.83 -11.33 -12.95
N THR A 245 6.43 -10.75 -13.98
CA THR A 245 6.45 -11.44 -15.27
C THR A 245 7.73 -12.19 -15.60
N GLU A 246 8.87 -11.59 -15.29
CA GLU A 246 10.17 -12.17 -15.59
C GLU A 246 10.83 -13.15 -14.62
N PHE A 247 10.41 -13.17 -13.36
CA PHE A 247 11.01 -14.04 -12.40
C PHE A 247 10.12 -15.21 -11.98
N GLU A 248 10.75 -16.38 -11.84
CA GLU A 248 10.07 -17.60 -11.38
C GLU A 248 11.17 -18.33 -10.68
N SER A 249 10.88 -18.85 -9.50
CA SER A 249 11.91 -19.52 -8.72
C SER A 249 12.22 -20.89 -9.28
N PHE A 250 13.50 -21.24 -9.20
CA PHE A 250 14.02 -22.53 -9.64
C PHE A 250 14.51 -23.11 -8.31
N SER A 251 14.19 -24.36 -8.03
CA SER A 251 14.64 -24.97 -6.79
C SER A 251 14.60 -26.48 -6.89
N PHE A 252 15.55 -27.15 -6.23
CA PHE A 252 15.59 -28.63 -6.21
C PHE A 252 14.53 -29.14 -5.23
N ASP A 253 14.17 -28.28 -4.29
CA ASP A 253 13.16 -28.61 -3.32
C ASP A 253 11.86 -28.22 -4.03
N ALA A 254 11.14 -29.23 -4.49
CA ALA A 254 9.88 -29.02 -5.20
C ALA A 254 8.86 -28.08 -4.53
N THR A 255 8.86 -27.97 -3.21
CA THR A 255 7.86 -27.06 -2.62
C THR A 255 8.17 -25.57 -2.88
N PHE A 256 9.43 -25.25 -3.15
CA PHE A 256 9.87 -23.89 -3.43
C PHE A 256 10.14 -23.64 -4.92
N HIS A 257 9.78 -24.57 -5.79
CA HIS A 257 10.05 -24.43 -7.22
C HIS A 257 8.83 -23.89 -7.96
N ALA A 258 9.08 -23.08 -8.99
CA ALA A 258 8.03 -22.47 -9.84
C ALA A 258 7.10 -21.50 -9.12
N LYS A 259 7.64 -20.78 -8.14
CA LYS A 259 6.86 -19.80 -7.37
C LYS A 259 6.99 -18.37 -7.90
N LYS A 260 5.91 -17.61 -7.80
CA LYS A 260 5.86 -16.24 -8.29
C LYS A 260 5.87 -15.23 -7.13
N GLN A 261 6.13 -13.97 -7.43
CA GLN A 261 6.13 -12.92 -6.43
C GLN A 261 5.51 -11.63 -6.99
N ILE A 262 4.82 -10.87 -6.16
CA ILE A 262 4.28 -9.54 -6.59
C ILE A 262 4.64 -8.50 -5.53
N PRO A 263 5.50 -7.50 -5.86
CA PRO A 263 5.79 -6.51 -4.82
C PRO A 263 4.48 -5.76 -4.40
N CYS A 264 4.61 -4.87 -3.43
CA CYS A 264 3.46 -4.19 -2.90
C CYS A 264 3.80 -2.78 -2.42
N ILE A 265 3.28 -1.80 -3.16
CA ILE A 265 3.50 -0.40 -2.84
C ILE A 265 2.45 0.10 -1.85
N VAL A 266 2.88 0.70 -0.75
CA VAL A 266 1.95 1.28 0.22
C VAL A 266 2.28 2.78 0.31
N SER A 267 1.40 3.62 -0.22
CA SER A 267 1.63 5.05 -0.25
C SER A 267 0.71 5.89 0.61
N MET A 268 1.33 6.71 1.46
CA MET A 268 0.65 7.72 2.29
C MET A 268 1.26 9.05 1.88
N LEU A 269 1.79 9.10 0.66
CA LEU A 269 2.40 10.30 0.12
C LEU A 269 1.24 11.24 -0.21
N THR A 270 1.51 12.55 -0.15
CA THR A 270 0.49 13.54 -0.46
C THR A 270 0.79 14.30 -1.76
N LYS A 271 1.92 14.00 -2.40
CA LYS A 271 2.36 14.67 -3.62
C LYS A 271 3.12 13.71 -4.50
N GLU A 272 3.31 14.08 -5.77
CA GLU A 272 4.06 13.26 -6.73
C GLU A 272 5.53 13.49 -6.48
N LEU A 273 6.32 12.44 -6.70
CA LEU A 273 7.75 12.49 -6.43
C LEU A 273 8.53 12.20 -7.68
N TYR A 274 9.47 13.10 -7.98
CA TYR A 274 10.37 13.00 -9.14
C TYR A 274 11.81 13.18 -8.66
N PHE A 275 12.72 12.33 -9.13
CA PHE A 275 14.11 12.44 -8.71
C PHE A 275 14.91 13.40 -9.61
N TYR A 276 14.23 14.05 -10.55
CA TYR A 276 14.88 15.00 -11.44
C TYR A 276 14.36 16.41 -11.19
N HIS A 277 15.09 17.39 -11.71
CA HIS A 277 14.67 18.80 -11.55
C HIS A 277 14.79 19.48 -12.92
N ASP B 2 17.26 -20.07 -6.09
CA ASP B 2 16.41 -19.12 -5.41
C ASP B 2 16.06 -19.53 -3.99
N VAL B 3 16.32 -18.64 -3.05
CA VAL B 3 15.98 -18.87 -1.66
C VAL B 3 15.04 -17.75 -1.16
N ALA B 4 14.27 -18.07 -0.12
CA ALA B 4 13.30 -17.18 0.48
C ALA B 4 13.88 -16.37 1.63
N ASP B 5 13.45 -15.13 1.75
CA ASP B 5 13.89 -14.27 2.83
C ASP B 5 12.87 -14.29 3.96
N ASN C 35 3.60 1.29 -19.72
CA ASN C 35 2.44 0.46 -20.17
C ASN C 35 1.20 0.57 -19.29
N SER C 36 0.05 0.21 -19.84
CA SER C 36 -1.17 0.34 -19.10
C SER C 36 -2.21 -0.66 -19.46
N TYR C 37 -3.15 -0.88 -18.54
CA TYR C 37 -4.23 -1.84 -18.74
C TYR C 37 -5.11 -1.58 -19.95
N LYS C 38 -5.53 -2.63 -20.62
CA LYS C 38 -6.43 -2.50 -21.75
C LYS C 38 -7.80 -2.14 -21.15
N MET C 39 -8.20 -0.87 -21.28
CA MET C 39 -9.48 -0.43 -20.75
C MET C 39 -10.53 -0.30 -21.85
N ASP C 40 -10.30 -0.98 -22.98
CA ASP C 40 -11.22 -0.91 -24.11
C ASP C 40 -12.01 -2.20 -24.44
N TYR C 41 -12.42 -2.95 -23.41
CA TYR C 41 -13.24 -4.12 -23.69
C TYR C 41 -14.64 -3.56 -23.85
N PRO C 42 -15.61 -4.40 -24.23
CA PRO C 42 -16.99 -3.95 -24.42
C PRO C 42 -17.48 -3.13 -23.22
N GLU C 43 -17.36 -3.70 -22.04
CA GLU C 43 -17.79 -3.04 -20.83
C GLU C 43 -16.63 -2.69 -19.91
N MET C 44 -16.84 -1.66 -19.08
CA MET C 44 -15.84 -1.22 -18.13
C MET C 44 -15.79 -2.20 -16.95
N GLY C 45 -16.90 -2.88 -16.69
CA GLY C 45 -16.96 -3.87 -15.60
C GLY C 45 -17.98 -3.45 -14.56
N LEU C 46 -18.26 -4.30 -13.59
CA LEU C 46 -19.23 -3.90 -12.59
C LEU C 46 -18.61 -3.26 -11.34
N CYS C 47 -19.37 -2.39 -10.67
CA CYS C 47 -18.92 -1.70 -9.46
C CYS C 47 -19.89 -1.97 -8.33
N ILE C 48 -19.56 -2.92 -7.47
CA ILE C 48 -20.43 -3.26 -6.36
C ILE C 48 -20.17 -2.30 -5.22
N ILE C 49 -21.24 -1.85 -4.57
CA ILE C 49 -21.12 -0.96 -3.42
C ILE C 49 -21.85 -1.62 -2.22
N ILE C 50 -21.09 -2.07 -1.23
CA ILE C 50 -21.70 -2.65 -0.04
C ILE C 50 -21.86 -1.50 0.93
N ASN C 51 -23.10 -1.23 1.30
CA ASN C 51 -23.40 -0.11 2.18
C ASN C 51 -24.10 -0.54 3.47
N ASN C 52 -23.34 -0.65 4.54
CA ASN C 52 -23.91 -1.07 5.81
C ASN C 52 -24.14 0.08 6.75
N LYS C 53 -25.40 0.42 6.98
CA LYS C 53 -25.74 1.52 7.87
C LYS C 53 -26.30 1.07 9.22
N ASN C 54 -27.01 -0.06 9.22
CA ASN C 54 -27.67 -0.62 10.41
C ASN C 54 -27.08 -1.90 10.97
N PHE C 55 -26.60 -1.81 12.21
CA PHE C 55 -25.97 -2.95 12.86
C PHE C 55 -26.85 -3.53 13.98
N HIS C 56 -26.79 -4.85 14.13
CA HIS C 56 -27.58 -5.56 15.13
C HIS C 56 -27.26 -5.06 16.55
N LYS C 57 -28.28 -5.06 17.39
CA LYS C 57 -28.16 -4.64 18.78
C LYS C 57 -27.03 -5.43 19.43
N SER C 58 -26.93 -6.69 19.05
CA SER C 58 -25.91 -7.60 19.57
C SER C 58 -24.54 -6.95 19.49
N THR C 59 -24.14 -6.65 18.25
CA THR C 59 -22.85 -6.04 17.89
C THR C 59 -22.46 -4.78 18.65
N GLY C 60 -23.44 -4.11 19.25
CA GLY C 60 -23.17 -2.88 19.98
C GLY C 60 -22.55 -1.88 19.03
N MET C 61 -23.03 -1.94 17.79
CA MET C 61 -22.52 -1.10 16.73
C MET C 61 -23.54 -0.06 16.24
N THR C 62 -23.21 1.20 16.50
CA THR C 62 -24.01 2.36 16.13
C THR C 62 -24.35 2.49 14.64
N SER C 63 -25.31 3.37 14.33
CA SER C 63 -25.73 3.61 12.95
C SER C 63 -24.82 4.59 12.24
N ARG C 64 -24.42 4.19 11.05
CA ARG C 64 -23.52 4.96 10.23
C ARG C 64 -24.24 6.00 9.39
N SER C 65 -24.62 7.09 10.06
CA SER C 65 -25.31 8.20 9.42
C SER C 65 -24.38 8.96 8.47
N GLY C 66 -24.84 9.19 7.26
CA GLY C 66 -24.01 9.87 6.29
C GLY C 66 -23.56 8.85 5.26
N THR C 67 -23.60 7.57 5.62
CA THR C 67 -23.17 6.53 4.70
C THR C 67 -23.95 6.58 3.40
N ASP C 68 -25.21 6.99 3.46
CA ASP C 68 -26.02 7.06 2.25
C ASP C 68 -25.54 8.15 1.33
N VAL C 69 -25.00 9.21 1.90
CA VAL C 69 -24.50 10.31 1.10
C VAL C 69 -23.38 9.72 0.22
N ASP C 70 -22.56 8.90 0.87
CA ASP C 70 -21.44 8.25 0.21
C ASP C 70 -21.91 7.30 -0.88
N ALA C 71 -22.77 6.35 -0.53
CA ALA C 71 -23.28 5.40 -1.49
C ALA C 71 -23.81 6.10 -2.74
N ALA C 72 -24.54 7.20 -2.52
CA ALA C 72 -25.12 7.97 -3.62
C ALA C 72 -24.03 8.58 -4.45
N ASN C 73 -23.10 9.25 -3.79
CA ASN C 73 -22.00 9.90 -4.48
C ASN C 73 -21.20 8.92 -5.35
N LEU C 74 -20.95 7.73 -4.82
CA LEU C 74 -20.22 6.69 -5.54
C LEU C 74 -21.01 6.17 -6.74
N ARG C 75 -22.28 5.86 -6.51
CA ARG C 75 -23.16 5.34 -7.54
C ARG C 75 -23.12 6.23 -8.79
N GLU C 76 -23.13 7.54 -8.59
CA GLU C 76 -23.06 8.49 -9.70
C GLU C 76 -21.66 8.65 -10.32
N THR C 77 -20.62 8.68 -9.49
CA THR C 77 -19.27 8.81 -10.00
C THR C 77 -18.92 7.60 -10.89
N PHE C 78 -19.26 6.42 -10.41
CA PHE C 78 -18.98 5.24 -11.16
C PHE C 78 -19.91 4.98 -12.34
N ARG C 79 -21.10 5.60 -12.35
CA ARG C 79 -22.01 5.42 -13.48
C ARG C 79 -21.47 6.29 -14.60
N ASN C 80 -20.89 7.43 -14.21
CA ASN C 80 -20.30 8.34 -15.18
C ASN C 80 -19.05 7.79 -15.88
N LEU C 81 -18.26 6.95 -15.19
CA LEU C 81 -17.06 6.37 -15.80
C LEU C 81 -17.43 5.09 -16.54
N LYS C 82 -18.74 4.87 -16.61
CA LYS C 82 -19.35 3.74 -17.30
C LYS C 82 -19.32 2.38 -16.65
N TYR C 83 -19.34 2.36 -15.32
CA TYR C 83 -19.38 1.09 -14.61
C TYR C 83 -20.84 0.73 -14.36
N GLU C 84 -21.16 -0.56 -14.42
CA GLU C 84 -22.50 -1.02 -14.14
C GLU C 84 -22.54 -1.11 -12.63
N VAL C 85 -23.17 -0.12 -11.98
CA VAL C 85 -23.23 -0.11 -10.52
C VAL C 85 -24.35 -0.96 -9.92
N ARG C 86 -24.13 -1.43 -8.69
CA ARG C 86 -25.07 -2.23 -7.93
C ARG C 86 -24.86 -1.92 -6.46
N ASN C 87 -25.91 -1.47 -5.79
CA ASN C 87 -25.79 -1.19 -4.38
C ASN C 87 -26.48 -2.28 -3.63
N LYS C 88 -25.86 -2.70 -2.54
CA LYS C 88 -26.44 -3.72 -1.67
C LYS C 88 -26.41 -3.14 -0.28
N ASN C 89 -27.60 -2.97 0.30
CA ASN C 89 -27.74 -2.40 1.62
C ASN C 89 -27.86 -3.37 2.77
N ASP C 90 -27.29 -2.94 3.89
CA ASP C 90 -27.26 -3.67 5.13
C ASP C 90 -27.14 -5.16 4.99
N LEU C 91 -25.98 -5.62 4.57
CA LEU C 91 -25.79 -7.05 4.40
C LEU C 91 -25.18 -7.61 5.66
N THR C 92 -25.52 -8.84 5.97
CA THR C 92 -24.97 -9.48 7.14
C THR C 92 -23.68 -10.13 6.68
N ARG C 93 -22.83 -10.41 7.67
CA ARG C 93 -21.54 -11.06 7.46
C ARG C 93 -21.67 -12.22 6.47
N GLU C 94 -22.80 -12.90 6.57
CA GLU C 94 -23.11 -14.07 5.76
C GLU C 94 -23.46 -13.74 4.30
N GLU C 95 -24.33 -12.75 4.11
CA GLU C 95 -24.77 -12.36 2.78
C GLU C 95 -23.62 -11.75 1.99
N ILE C 96 -22.61 -11.23 2.68
CA ILE C 96 -21.47 -10.64 1.98
C ILE C 96 -20.69 -11.69 1.20
N VAL C 97 -20.27 -12.75 1.87
CA VAL C 97 -19.52 -13.80 1.20
C VAL C 97 -20.33 -14.43 0.05
N GLU C 98 -21.63 -14.53 0.22
CA GLU C 98 -22.49 -15.10 -0.82
C GLU C 98 -22.43 -14.30 -2.09
N LEU C 99 -22.52 -12.99 -1.95
CA LEU C 99 -22.48 -12.03 -3.07
C LEU C 99 -21.12 -12.05 -3.80
N MET C 100 -20.03 -11.91 -3.05
CA MET C 100 -18.70 -11.92 -3.62
C MET C 100 -18.47 -13.24 -4.30
N ARG C 101 -18.97 -14.31 -3.72
CA ARG C 101 -18.82 -15.60 -4.36
C ARG C 101 -19.59 -15.63 -5.68
N ASP C 102 -20.83 -15.16 -5.67
CA ASP C 102 -21.65 -15.16 -6.89
C ASP C 102 -21.07 -14.26 -7.98
N VAL C 103 -20.63 -13.06 -7.58
CA VAL C 103 -20.05 -12.10 -8.50
C VAL C 103 -18.74 -12.62 -9.12
N SER C 104 -17.93 -13.34 -8.34
CA SER C 104 -16.68 -13.88 -8.87
C SER C 104 -16.92 -15.01 -9.88
N LYS C 105 -18.13 -15.58 -9.88
CA LYS C 105 -18.48 -16.66 -10.83
C LYS C 105 -19.11 -16.17 -12.12
N GLU C 106 -19.44 -14.88 -12.19
CA GLU C 106 -20.01 -14.29 -13.41
C GLU C 106 -18.91 -14.20 -14.48
N ASP C 107 -19.30 -14.09 -15.75
CA ASP C 107 -18.32 -14.02 -16.84
C ASP C 107 -17.80 -12.63 -17.13
N HIS C 108 -16.70 -12.26 -16.48
CA HIS C 108 -16.16 -10.92 -16.66
C HIS C 108 -15.37 -10.71 -17.94
N SER C 109 -15.46 -11.67 -18.86
CA SER C 109 -14.76 -11.63 -20.14
C SER C 109 -14.80 -10.33 -20.93
N LYS C 110 -15.98 -9.74 -21.07
CA LYS C 110 -16.07 -8.52 -21.85
C LYS C 110 -16.01 -7.27 -20.96
N ARG C 111 -15.47 -7.46 -19.76
CA ARG C 111 -15.33 -6.37 -18.80
C ARG C 111 -13.86 -6.01 -18.66
N SER C 112 -13.58 -4.74 -18.38
CA SER C 112 -12.21 -4.28 -18.27
C SER C 112 -11.66 -4.35 -16.85
N SER C 113 -12.52 -4.30 -15.85
CA SER C 113 -12.05 -4.32 -14.49
C SER C 113 -13.20 -4.64 -13.56
N PHE C 114 -12.95 -4.51 -12.27
CA PHE C 114 -13.94 -4.81 -11.26
C PHE C 114 -13.65 -3.89 -10.12
N VAL C 115 -14.69 -3.33 -9.53
CA VAL C 115 -14.57 -2.41 -8.42
C VAL C 115 -15.53 -2.80 -7.31
N CYS C 116 -15.05 -2.82 -6.07
CA CYS C 116 -15.88 -3.18 -4.96
C CYS C 116 -15.68 -2.15 -3.88
N VAL C 117 -16.79 -1.54 -3.41
CA VAL C 117 -16.73 -0.54 -2.33
C VAL C 117 -17.36 -1.07 -1.06
N LEU C 118 -16.61 -1.04 0.01
CA LEU C 118 -17.10 -1.54 1.26
C LEU C 118 -17.20 -0.36 2.21
N LEU C 119 -18.43 -0.10 2.66
CA LEU C 119 -18.73 1.01 3.58
C LEU C 119 -19.26 0.36 4.82
N SER C 120 -18.53 0.50 5.91
CA SER C 120 -18.97 -0.12 7.14
C SER C 120 -18.04 0.22 8.28
N HIS C 121 -18.29 -0.43 9.41
CA HIS C 121 -17.47 -0.30 10.61
C HIS C 121 -16.36 -1.35 10.37
N GLY C 122 -15.27 -1.24 11.11
CA GLY C 122 -14.22 -2.22 10.93
C GLY C 122 -13.06 -2.08 11.88
N GLU C 123 -12.09 -2.99 11.72
CA GLU C 123 -10.84 -3.06 12.51
C GLU C 123 -9.79 -3.52 11.49
N GLU C 124 -8.52 -3.53 11.85
CA GLU C 124 -7.49 -3.96 10.90
C GLU C 124 -7.81 -5.32 10.28
N GLY C 125 -7.88 -5.38 8.95
CA GLY C 125 -8.18 -6.63 8.26
C GLY C 125 -9.64 -7.08 8.30
N ILE C 126 -10.47 -6.29 9.00
CA ILE C 126 -11.89 -6.58 9.23
C ILE C 126 -12.92 -5.45 8.92
N ILE C 127 -14.07 -5.87 8.40
CA ILE C 127 -15.20 -4.99 8.15
C ILE C 127 -16.44 -5.74 8.67
N PHE C 128 -17.33 -5.02 9.34
CA PHE C 128 -18.53 -5.63 9.87
C PHE C 128 -19.68 -5.76 8.91
N GLY C 129 -20.33 -6.91 8.99
CA GLY C 129 -21.55 -7.16 8.24
C GLY C 129 -22.54 -6.60 9.27
N THR C 130 -23.84 -6.65 9.02
CA THR C 130 -24.80 -6.12 10.01
C THR C 130 -24.81 -6.96 11.28
N ASN C 131 -24.64 -8.26 11.11
CA ASN C 131 -24.62 -9.17 12.24
C ASN C 131 -23.22 -9.60 12.73
N GLY C 132 -22.17 -8.95 12.23
CA GLY C 132 -20.82 -9.31 12.66
C GLY C 132 -19.67 -9.09 11.67
N PRO C 133 -18.42 -9.14 12.15
CA PRO C 133 -17.19 -8.95 11.37
C PRO C 133 -16.71 -10.05 10.40
N VAL C 134 -16.49 -9.66 9.14
CA VAL C 134 -15.99 -10.53 8.09
C VAL C 134 -14.55 -10.13 7.86
N ASP C 135 -13.70 -11.13 7.59
CA ASP C 135 -12.28 -10.92 7.29
C ASP C 135 -12.20 -10.51 5.83
N LEU C 136 -11.46 -9.44 5.55
CA LEU C 136 -11.32 -8.97 4.17
C LEU C 136 -10.54 -9.93 3.27
N LYS C 137 -9.67 -10.73 3.87
CA LYS C 137 -8.90 -11.68 3.10
C LYS C 137 -9.83 -12.71 2.49
N LYS C 138 -10.86 -13.06 3.24
CA LYS C 138 -11.86 -14.01 2.82
C LYS C 138 -12.67 -13.44 1.63
N ILE C 139 -12.91 -12.14 1.64
CA ILE C 139 -13.66 -11.43 0.60
C ILE C 139 -12.89 -11.23 -0.71
N THR C 140 -11.60 -10.89 -0.58
CA THR C 140 -10.78 -10.66 -1.76
C THR C 140 -10.29 -11.93 -2.42
N ASN C 141 -10.10 -13.00 -1.67
CA ASN C 141 -9.64 -14.26 -2.24
C ASN C 141 -10.44 -14.80 -3.40
N PHE C 142 -11.72 -14.45 -3.48
CA PHE C 142 -12.57 -14.92 -4.60
C PHE C 142 -12.08 -14.37 -5.96
N PHE C 143 -11.36 -13.25 -5.94
CA PHE C 143 -10.90 -12.61 -7.17
C PHE C 143 -9.44 -12.84 -7.58
N ARG C 144 -8.76 -13.68 -6.83
CA ARG C 144 -7.39 -14.01 -7.15
C ARG C 144 -7.41 -14.55 -8.57
N GLY C 145 -6.29 -14.37 -9.27
CA GLY C 145 -6.16 -14.82 -10.65
C GLY C 145 -6.40 -16.29 -10.93
N ASP C 146 -6.08 -17.13 -9.97
CA ASP C 146 -6.28 -18.57 -10.11
C ASP C 146 -7.75 -18.93 -10.00
N ARG C 147 -8.49 -18.19 -9.16
CA ARG C 147 -9.93 -18.42 -8.96
C ARG C 147 -10.75 -17.84 -10.11
N CYS C 148 -10.87 -16.52 -10.11
CA CYS C 148 -11.66 -15.82 -11.12
C CYS C 148 -10.83 -15.65 -12.38
N ARG C 149 -10.69 -16.71 -13.15
CA ARG C 149 -9.88 -16.67 -14.36
C ARG C 149 -10.36 -15.59 -15.33
N SER C 150 -11.61 -15.16 -15.16
CA SER C 150 -12.22 -14.14 -16.01
C SER C 150 -11.67 -12.76 -15.74
N LEU C 151 -11.00 -12.60 -14.60
CA LEU C 151 -10.45 -11.31 -14.26
C LEU C 151 -8.93 -11.28 -14.24
N THR C 152 -8.29 -12.41 -14.56
CA THR C 152 -6.83 -12.46 -14.57
C THR C 152 -6.23 -11.47 -15.54
N GLY C 153 -5.23 -10.72 -15.10
CA GLY C 153 -4.61 -9.73 -15.97
C GLY C 153 -5.34 -8.40 -15.97
N LYS C 154 -6.49 -8.36 -15.29
CA LYS C 154 -7.33 -7.14 -15.20
C LYS C 154 -7.33 -6.66 -13.76
N PRO C 155 -7.32 -5.32 -13.57
CA PRO C 155 -7.31 -4.66 -12.27
C PRO C 155 -8.58 -4.83 -11.46
N LYS C 156 -8.38 -5.25 -10.22
CA LYS C 156 -9.44 -5.52 -9.25
C LYS C 156 -9.30 -4.49 -8.12
N LEU C 157 -10.15 -3.47 -8.17
CA LEU C 157 -10.10 -2.40 -7.18
C LEU C 157 -11.03 -2.62 -5.98
N PHE C 158 -10.49 -2.39 -4.77
CA PHE C 158 -11.24 -2.51 -3.52
C PHE C 158 -11.09 -1.19 -2.79
N ILE C 159 -12.20 -0.53 -2.51
CA ILE C 159 -12.17 0.76 -1.83
C ILE C 159 -12.82 0.52 -0.49
N ILE C 160 -12.13 0.94 0.56
CA ILE C 160 -12.60 0.66 1.89
C ILE C 160 -12.63 1.81 2.88
N GLN C 161 -13.87 2.11 3.33
CA GLN C 161 -14.14 3.15 4.34
C GLN C 161 -14.58 2.39 5.60
N ALA C 162 -13.75 2.48 6.63
CA ALA C 162 -13.94 1.80 7.91
C ALA C 162 -12.64 2.00 8.68
N CYS C 163 -12.70 1.91 10.00
CA CYS C 163 -11.50 2.08 10.80
C CYS C 163 -10.66 0.86 10.60
N ARG C 164 -9.38 1.00 10.90
CA ARG C 164 -8.44 -0.11 10.79
C ARG C 164 -7.81 -0.25 12.16
N GLY C 165 -8.56 0.11 13.21
CA GLY C 165 -8.06 0.05 14.57
C GLY C 165 -8.50 1.23 15.43
N THR C 166 -7.79 1.53 16.51
CA THR C 166 -8.22 2.62 17.37
C THR C 166 -7.23 3.72 17.68
N GLU C 167 -6.16 3.82 16.90
CA GLU C 167 -5.19 4.88 17.13
C GLU C 167 -5.80 6.19 16.64
N LEU C 168 -5.30 7.29 17.18
CA LEU C 168 -5.77 8.60 16.80
C LEU C 168 -4.56 9.37 16.30
N ASP C 169 -4.72 10.04 15.16
CA ASP C 169 -3.64 10.82 14.58
C ASP C 169 -3.89 12.27 14.97
N CYS C 170 -3.04 12.82 15.81
CA CYS C 170 -3.21 14.19 16.28
C CYS C 170 -2.56 15.25 15.43
N GLY C 171 -2.08 14.87 14.25
CA GLY C 171 -1.46 15.83 13.34
C GLY C 171 -0.24 16.57 13.85
N ILE C 172 0.40 17.33 12.96
CA ILE C 172 1.59 18.10 13.29
C ILE C 172 1.63 19.38 12.46
N GLU C 173 2.39 20.36 12.96
CA GLU C 173 2.59 21.65 12.31
C GLU C 173 1.35 22.47 12.65
N HIS C 185 0.65 -16.07 -19.59
CA HIS C 185 2.00 -16.20 -18.98
C HIS C 185 1.78 -16.19 -17.49
N LYS C 186 2.48 -17.10 -16.82
CA LYS C 186 2.39 -17.24 -15.39
C LYS C 186 2.58 -15.89 -14.70
N ILE C 187 1.60 -15.48 -13.92
CA ILE C 187 1.68 -14.24 -13.14
C ILE C 187 1.26 -14.56 -11.74
N PRO C 188 1.65 -13.74 -10.75
CA PRO C 188 1.25 -14.01 -9.36
C PRO C 188 -0.29 -13.94 -9.20
N VAL C 189 -0.87 -14.89 -8.45
CA VAL C 189 -2.32 -14.93 -8.23
C VAL C 189 -2.82 -13.72 -7.47
N ASP C 190 -1.97 -13.11 -6.67
CA ASP C 190 -2.39 -11.93 -5.90
C ASP C 190 -2.00 -10.65 -6.64
N ALA C 191 -1.75 -10.76 -7.95
CA ALA C 191 -1.38 -9.58 -8.75
C ALA C 191 -2.60 -8.84 -9.32
N ASP C 192 -2.38 -7.59 -9.70
CA ASP C 192 -3.41 -6.72 -10.27
C ASP C 192 -4.52 -6.37 -9.28
N PHE C 193 -4.14 -6.24 -8.02
CA PHE C 193 -5.06 -5.85 -6.97
C PHE C 193 -4.68 -4.49 -6.45
N LEU C 194 -5.68 -3.69 -6.10
CA LEU C 194 -5.42 -2.39 -5.53
C LEU C 194 -6.37 -2.19 -4.36
N TYR C 195 -5.83 -1.73 -3.25
CA TYR C 195 -6.60 -1.50 -2.02
C TYR C 195 -6.55 -0.03 -1.61
N ALA C 196 -7.57 0.73 -1.97
CA ALA C 196 -7.65 2.13 -1.58
C ALA C 196 -8.30 2.17 -0.18
N TYR C 197 -7.46 2.30 0.83
CA TYR C 197 -7.90 2.33 2.22
C TYR C 197 -8.12 3.76 2.62
N SER C 198 -9.22 4.01 3.33
CA SER C 198 -9.51 5.36 3.78
C SER C 198 -8.56 5.89 4.85
N THR C 199 -7.81 4.99 5.50
CA THR C 199 -6.91 5.39 6.59
C THR C 199 -5.66 4.49 6.78
N ALA C 200 -4.67 5.03 7.46
CA ALA C 200 -3.43 4.35 7.75
C ALA C 200 -3.72 3.11 8.61
N PRO C 201 -2.87 2.08 8.48
CA PRO C 201 -3.10 0.86 9.26
C PRO C 201 -3.17 1.14 10.77
N GLY C 202 -4.18 0.55 11.40
CA GLY C 202 -4.39 0.67 12.82
C GLY C 202 -5.02 1.97 13.29
N TYR C 203 -5.49 2.79 12.35
CA TYR C 203 -6.07 4.07 12.77
C TYR C 203 -7.55 4.18 12.60
N TYR C 204 -8.06 5.24 13.21
CA TYR C 204 -9.45 5.62 13.14
C TYR C 204 -9.71 6.20 11.74
N SER C 205 -10.92 6.02 11.26
CA SER C 205 -11.37 6.55 9.96
C SER C 205 -12.57 7.44 10.32
N TRP C 206 -12.57 8.68 9.83
CA TRP C 206 -13.63 9.61 10.14
C TRP C 206 -14.74 9.77 9.13
N ARG C 207 -15.94 9.98 9.66
CA ARG C 207 -17.17 10.13 8.89
C ARG C 207 -17.95 11.29 9.51
N ASN C 208 -18.61 12.06 8.66
CA ASN C 208 -19.41 13.18 9.10
C ASN C 208 -20.86 12.72 8.92
N SER C 209 -21.65 12.85 9.99
CA SER C 209 -23.04 12.43 9.98
C SER C 209 -23.88 13.05 8.86
N LYS C 210 -23.50 14.21 8.38
CA LYS C 210 -24.28 14.81 7.32
C LYS C 210 -23.60 14.86 5.95
N ASP C 211 -22.27 14.85 5.91
CA ASP C 211 -21.54 14.94 4.63
C ASP C 211 -20.96 13.64 4.08
N GLY C 212 -20.95 12.62 4.93
CA GLY C 212 -20.41 11.36 4.52
C GLY C 212 -18.97 11.32 5.01
N SER C 213 -18.24 10.29 4.63
CA SER C 213 -16.84 10.12 5.05
C SER C 213 -15.87 11.06 4.34
N TRP C 214 -14.88 11.54 5.07
CA TRP C 214 -13.86 12.40 4.49
C TRP C 214 -13.27 11.76 3.23
N PHE C 215 -12.89 10.48 3.33
CA PHE C 215 -12.31 9.77 2.20
C PHE C 215 -13.22 9.63 0.96
N ILE C 216 -14.46 9.17 1.15
CA ILE C 216 -15.37 9.00 0.01
C ILE C 216 -15.73 10.28 -0.71
N GLN C 217 -15.93 11.37 0.05
CA GLN C 217 -16.27 12.68 -0.55
C GLN C 217 -15.09 13.12 -1.38
N SER C 218 -13.89 13.01 -0.78
CA SER C 218 -12.66 13.37 -1.44
C SER C 218 -12.38 12.47 -2.66
N LEU C 219 -12.61 11.18 -2.55
CA LEU C 219 -12.39 10.27 -3.68
C LEU C 219 -13.29 10.62 -4.87
N CYS C 220 -14.60 10.78 -4.60
CA CYS C 220 -15.57 11.13 -5.65
C CYS C 220 -15.23 12.49 -6.25
N ALA C 221 -14.77 13.41 -5.42
CA ALA C 221 -14.37 14.72 -5.89
C ALA C 221 -13.20 14.68 -6.93
N MET C 222 -12.12 14.00 -6.57
CA MET C 222 -10.93 13.90 -7.40
C MET C 222 -11.23 13.08 -8.62
N LEU C 223 -12.05 12.07 -8.45
CA LEU C 223 -12.39 11.23 -9.56
C LEU C 223 -13.12 12.00 -10.65
N LYS C 224 -14.01 12.91 -10.29
CA LYS C 224 -14.70 13.64 -11.34
C LYS C 224 -13.89 14.77 -11.86
N GLN C 225 -13.01 15.30 -11.03
CA GLN C 225 -12.15 16.37 -11.50
C GLN C 225 -11.00 15.88 -12.40
N TYR C 226 -10.43 14.69 -12.11
CA TYR C 226 -9.30 14.19 -12.89
C TYR C 226 -9.35 12.88 -13.64
N ALA C 227 -10.44 12.12 -13.56
CA ALA C 227 -10.48 10.85 -14.26
C ALA C 227 -10.26 10.92 -15.76
N ASP C 228 -10.43 12.11 -16.32
CA ASP C 228 -10.27 12.32 -17.75
C ASP C 228 -8.84 12.65 -18.15
N LYS C 229 -7.96 12.84 -17.16
CA LYS C 229 -6.59 13.20 -17.47
C LYS C 229 -5.47 12.48 -16.71
N LEU C 230 -5.65 12.29 -15.40
CA LEU C 230 -4.62 11.64 -14.59
C LEU C 230 -4.75 10.13 -14.48
N GLU C 231 -3.61 9.52 -14.18
CA GLU C 231 -3.47 8.08 -13.97
C GLU C 231 -4.02 7.83 -12.54
N PHE C 232 -4.64 6.66 -12.32
CA PHE C 232 -5.24 6.35 -11.03
C PHE C 232 -4.37 6.67 -9.82
N MET C 233 -3.14 6.17 -9.76
CA MET C 233 -2.27 6.46 -8.61
C MET C 233 -2.16 7.94 -8.32
N HIS C 234 -2.10 8.71 -9.39
CA HIS C 234 -2.01 10.16 -9.28
C HIS C 234 -3.29 10.79 -8.79
N ILE C 235 -4.42 10.17 -9.08
CA ILE C 235 -5.72 10.68 -8.61
C ILE C 235 -5.81 10.42 -7.09
N LEU C 236 -5.35 9.22 -6.67
CA LEU C 236 -5.37 8.84 -5.25
C LEU C 236 -4.41 9.62 -4.36
N THR C 237 -3.33 10.12 -4.95
CA THR C 237 -2.33 10.88 -4.20
C THR C 237 -2.94 12.25 -3.90
N ARG C 238 -3.77 12.73 -4.84
CA ARG C 238 -4.46 14.00 -4.70
C ARG C 238 -5.51 13.86 -3.58
N VAL C 239 -6.25 12.73 -3.60
CA VAL C 239 -7.22 12.37 -2.55
C VAL C 239 -6.43 12.40 -1.21
N ASN C 240 -5.29 11.69 -1.17
CA ASN C 240 -4.43 11.68 0.04
C ASN C 240 -4.16 13.08 0.54
N ARG C 241 -3.71 13.97 -0.34
CA ARG C 241 -3.46 15.34 0.05
C ARG C 241 -4.75 16.07 0.47
N LYS C 242 -5.85 15.78 -0.20
CA LYS C 242 -7.11 16.44 0.16
C LYS C 242 -7.57 16.10 1.56
N VAL C 243 -7.70 14.80 1.87
CA VAL C 243 -8.16 14.47 3.22
C VAL C 243 -7.17 14.82 4.32
N ALA C 244 -5.90 14.94 3.93
CA ALA C 244 -4.80 15.24 4.84
C ALA C 244 -4.74 16.70 5.28
N THR C 245 -4.91 17.59 4.30
CA THR C 245 -4.85 19.01 4.55
C THR C 245 -6.19 19.70 4.85
N GLU C 246 -7.27 19.27 4.20
CA GLU C 246 -8.55 19.92 4.40
C GLU C 246 -9.44 19.49 5.55
N PHE C 247 -9.29 18.28 6.05
CA PHE C 247 -10.17 17.87 7.14
C PHE C 247 -9.48 17.86 8.50
N GLU C 248 -10.28 17.84 9.56
CA GLU C 248 -9.81 17.84 10.93
C GLU C 248 -11.09 17.63 11.67
N SER C 249 -11.13 16.72 12.63
CA SER C 249 -12.38 16.48 13.31
C SER C 249 -12.82 17.55 14.34
N PHE C 250 -14.14 17.61 14.57
CA PHE C 250 -14.74 18.53 15.56
C PHE C 250 -15.56 17.69 16.56
N SER C 251 -15.36 17.96 17.84
CA SER C 251 -16.06 17.21 18.85
C SER C 251 -16.02 17.96 20.17
N PHE C 252 -17.04 17.73 21.01
CA PHE C 252 -17.13 18.39 22.32
C PHE C 252 -16.35 17.53 23.28
N ASP C 253 -16.13 16.29 22.86
CA ASP C 253 -15.34 15.31 23.60
C ASP C 253 -13.88 15.50 23.15
N ALA C 254 -13.07 16.11 24.02
CA ALA C 254 -11.67 16.39 23.70
C ALA C 254 -10.88 15.24 23.08
N THR C 255 -11.20 14.00 23.43
CA THR C 255 -10.49 12.86 22.87
C THR C 255 -10.67 12.77 21.36
N PHE C 256 -11.83 13.17 20.86
CA PHE C 256 -12.08 13.07 19.44
C PHE C 256 -12.08 14.37 18.67
N HIS C 257 -11.59 15.43 19.30
CA HIS C 257 -11.57 16.72 18.67
C HIS C 257 -10.22 17.08 18.07
N ALA C 258 -10.23 17.70 16.88
CA ALA C 258 -8.99 18.12 16.23
C ALA C 258 -8.05 16.97 15.82
N LYS C 259 -8.62 15.91 15.24
CA LYS C 259 -7.81 14.77 14.82
C LYS C 259 -7.72 14.72 13.31
N LYS C 260 -6.55 14.34 12.82
CA LYS C 260 -6.25 14.25 11.38
C LYS C 260 -6.36 12.83 10.81
N GLN C 261 -6.17 12.69 9.50
CA GLN C 261 -6.28 11.39 8.86
C GLN C 261 -5.59 11.36 7.52
N ILE C 262 -4.96 10.22 7.20
CA ILE C 262 -4.28 10.01 5.91
C ILE C 262 -4.69 8.67 5.28
N PRO C 263 -5.26 8.70 4.06
CA PRO C 263 -5.66 7.42 3.43
C PRO C 263 -4.42 6.60 3.13
N CYS C 264 -4.58 5.41 2.62
CA CYS C 264 -3.43 4.55 2.40
C CYS C 264 -3.65 3.74 1.16
N ILE C 265 -2.83 4.00 0.14
CA ILE C 265 -2.92 3.29 -1.13
C ILE C 265 -2.01 2.05 -1.08
N VAL C 266 -2.58 0.88 -1.39
CA VAL C 266 -1.85 -0.38 -1.41
C VAL C 266 -1.96 -0.97 -2.82
N SER C 267 -0.93 -0.70 -3.61
CA SER C 267 -0.87 -1.14 -4.98
C SER C 267 -0.04 -2.39 -5.36
N MET C 268 -0.72 -3.32 -6.01
CA MET C 268 -0.11 -4.53 -6.54
C MET C 268 -0.47 -4.59 -8.01
N LEU C 269 -0.68 -3.41 -8.58
CA LEU C 269 -0.99 -3.28 -10.01
C LEU C 269 0.37 -3.37 -10.71
N THR C 270 0.35 -3.92 -11.91
CA THR C 270 1.56 -4.10 -12.71
C THR C 270 1.59 -3.18 -13.94
N LYS C 271 0.54 -2.40 -14.13
CA LYS C 271 0.42 -1.44 -15.24
C LYS C 271 -0.31 -0.19 -14.78
N GLU C 272 -0.18 0.87 -15.57
CA GLU C 272 -0.84 2.15 -15.28
C GLU C 272 -2.32 2.03 -15.61
N LEU C 273 -3.16 2.65 -14.80
CA LEU C 273 -4.59 2.56 -14.99
C LEU C 273 -5.23 3.88 -15.40
N TYR C 274 -5.69 3.96 -16.63
CA TYR C 274 -6.36 5.18 -17.09
C TYR C 274 -7.84 4.89 -17.24
N PHE C 275 -8.65 5.74 -16.62
CA PHE C 275 -10.07 5.51 -16.71
C PHE C 275 -10.53 5.82 -18.11
N TYR C 276 -9.88 6.83 -18.72
CA TYR C 276 -10.19 7.21 -20.10
C TYR C 276 -9.57 6.32 -21.19
N HIS C 277 -8.63 5.43 -20.82
CA HIS C 277 -7.99 4.52 -21.79
C HIS C 277 -7.16 3.38 -21.24
N ASP D 2 -18.96 14.67 13.43
CA ASP D 2 -17.78 13.82 13.28
C ASP D 2 -17.78 12.59 14.15
N VAL D 3 -17.85 11.44 13.47
CA VAL D 3 -17.86 10.15 14.13
C VAL D 3 -16.90 9.22 13.40
N ALA D 4 -16.48 8.14 14.07
CA ALA D 4 -15.53 7.15 13.53
C ALA D 4 -16.11 5.80 13.12
N ASP D 5 -15.53 5.18 12.10
CA ASP D 5 -15.98 3.89 11.59
C ASP D 5 -15.11 2.74 12.07
#